data_3LT1
#
_entry.id   3LT1
#
_cell.length_a   131.107
_cell.length_b   131.107
_cell.length_c   82.982
_cell.angle_alpha   90.00
_cell.angle_beta   90.00
_cell.angle_gamma   90.00
#
_symmetry.space_group_name_H-M   'P 43 21 2'
#
loop_
_entity.id
_entity.type
_entity.pdbx_description
1 polymer 'Enoyl-ACP reductase'
2 non-polymer NICOTINAMIDE-ADENINE-DINUCLEOTIDE
3 non-polymer 5-(chloromethyl)-2-(2,4-dichlorophenoxy)phenol
4 water water
#
_entity_poly.entity_id   1
_entity_poly.type   'polypeptide(L)'
_entity_poly.pdbx_seq_one_letter_code
;NEDICFIAGIGDTNGYGWGIAKELSKRNVKIIFGIWPPVYNIFMKNYKNGKFDNDMIIDKDKKMNILDMLPFDASFDTAN
DIDEETKNNKRYNMLQNYTIEDVANLIHQKYGKINMLVHSLANAKEVQKDLLNTSRKGYLDALSKSSYSLISLCKYFVNI
MKPQSSIISLTYHASQKVVPGYGGGMSSAKAALESDTRVLAYHLGRNYNIRINTISAGPLKSRAATAINKLNNTYENNTN
QNKNRNRHDVHNIMNNSGEKEEKKISASQNYTFIDYAIEYSEKYAPLRQKLLSTDIGSVASFLLSRESRAITGQTIYVDN
GLNIMFLPD
;
_entity_poly.pdbx_strand_id   A,B
#
loop_
_chem_comp.id
_chem_comp.type
_chem_comp.name
_chem_comp.formula
FT2 non-polymer 5-(chloromethyl)-2-(2,4-dichlorophenoxy)phenol 'C13 H9 Cl3 O2'
NAD non-polymer NICOTINAMIDE-ADENINE-DINUCLEOTIDE 'C21 H27 N7 O14 P2'
#
# COMPACT_ATOMS: atom_id res chain seq x y z
N ASN A 1 5.91 21.94 1.92
CA ASN A 1 6.22 22.11 3.38
C ASN A 1 7.73 22.05 3.78
N GLU A 2 8.65 22.07 2.82
CA GLU A 2 10.09 21.88 3.12
C GLU A 2 10.41 20.42 3.57
N ASP A 3 10.04 19.42 2.76
CA ASP A 3 10.43 18.02 2.96
C ASP A 3 11.75 17.67 2.33
N ILE A 4 12.54 16.87 3.02
CA ILE A 4 13.80 16.43 2.47
C ILE A 4 13.94 14.90 2.53
N CYS A 5 14.39 14.32 1.43
CA CYS A 5 14.58 12.87 1.35
C CYS A 5 16.00 12.52 0.92
N PHE A 6 16.65 11.67 1.71
CA PHE A 6 17.90 11.05 1.29
C PHE A 6 17.64 9.73 0.58
N ILE A 7 18.11 9.63 -0.65
CA ILE A 7 17.98 8.41 -1.44
C ILE A 7 19.36 7.78 -1.58
N ALA A 8 19.55 6.66 -0.90
CA ALA A 8 20.81 5.93 -0.91
C ALA A 8 20.76 4.80 -1.98
N GLY A 9 21.56 4.90 -3.03
CA GLY A 9 21.57 3.87 -4.07
C GLY A 9 21.16 4.36 -5.45
N ILE A 10 21.75 5.45 -5.93
CA ILE A 10 21.55 5.93 -7.29
C ILE A 10 22.89 5.90 -8.01
N GLY A 11 22.91 5.25 -9.18
CA GLY A 11 24.10 5.14 -10.01
C GLY A 11 23.88 5.67 -11.43
N ASP A 12 22.62 5.79 -11.84
CA ASP A 12 22.27 6.33 -13.13
C ASP A 12 20.77 6.50 -13.10
N THR A 13 20.14 6.63 -14.26
CA THR A 13 18.71 6.99 -14.30
C THR A 13 17.83 5.80 -14.67
N ASN A 14 18.43 4.62 -14.73
CA ASN A 14 17.74 3.40 -15.14
C ASN A 14 17.23 2.49 -14.02
N GLY A 15 17.41 2.91 -12.78
CA GLY A 15 17.05 2.04 -11.66
C GLY A 15 15.84 2.58 -10.91
N TYR A 16 15.50 1.94 -9.80
CA TYR A 16 14.36 2.38 -9.00
C TYR A 16 14.61 3.67 -8.22
N GLY A 17 15.86 3.89 -7.83
CA GLY A 17 16.24 5.10 -7.11
C GLY A 17 15.84 6.36 -7.87
N TRP A 18 16.15 6.40 -9.15
CA TRP A 18 15.79 7.54 -10.00
C TRP A 18 14.28 7.76 -10.11
N GLY A 19 13.55 6.69 -10.42
CA GLY A 19 12.07 6.70 -10.40
C GLY A 19 11.45 7.23 -9.11
N ILE A 20 11.98 6.82 -7.96
CA ILE A 20 11.53 7.30 -6.66
C ILE A 20 11.82 8.80 -6.56
N ALA A 21 13.01 9.19 -7.01
CA ALA A 21 13.43 10.61 -6.97
C ALA A 21 12.48 11.49 -7.79
N LYS A 22 12.16 11.03 -9.01
CA LYS A 22 11.26 11.74 -9.92
C LYS A 22 9.88 11.95 -9.34
N GLU A 23 9.25 10.87 -8.89
CA GLU A 23 7.94 10.94 -8.24
C GLU A 23 7.92 11.83 -6.99
N LEU A 24 8.91 11.73 -6.13
CA LEU A 24 8.98 12.62 -4.97
C LEU A 24 9.06 14.11 -5.38
N SER A 25 9.79 14.33 -6.48
CA SER A 25 9.99 15.64 -7.08
C SER A 25 8.72 16.29 -7.49
N LYS A 26 7.83 15.52 -8.11
CA LYS A 26 6.47 15.96 -8.34
C LYS A 26 5.86 16.57 -7.09
N ARG A 27 6.09 15.97 -5.91
CA ARG A 27 5.52 16.50 -4.64
C ARG A 27 6.34 17.66 -4.06
N ASN A 28 7.29 18.20 -4.82
CA ASN A 28 8.24 19.20 -4.29
C ASN A 28 9.10 18.75 -3.09
N VAL A 29 9.50 17.49 -3.08
CA VAL A 29 10.37 17.03 -2.02
C VAL A 29 11.80 17.34 -2.46
N LYS A 30 12.62 17.88 -1.58
CA LYS A 30 14.03 18.07 -1.92
C LYS A 30 14.75 16.75 -1.84
N ILE A 31 15.56 16.45 -2.87
CA ILE A 31 16.22 15.17 -3.01
C ILE A 31 17.73 15.25 -2.81
N ILE A 32 18.26 14.33 -2.00
CA ILE A 32 19.68 14.17 -1.83
C ILE A 32 20.06 12.75 -2.23
N PHE A 33 20.97 12.62 -3.20
CA PHE A 33 21.46 11.31 -3.69
C PHE A 33 22.69 10.82 -2.92
N GLY A 34 22.63 9.56 -2.44
CA GLY A 34 23.80 8.83 -1.93
C GLY A 34 24.33 7.94 -3.06
N ILE A 35 25.53 8.23 -3.55
CA ILE A 35 26.07 7.55 -4.70
C ILE A 35 27.29 6.71 -4.29
N TRP A 36 27.26 5.44 -4.69
CA TRP A 36 28.33 4.50 -4.37
C TRP A 36 29.68 5.03 -4.92
N PRO A 37 30.71 5.09 -4.06
CA PRO A 37 31.91 5.81 -4.55
C PRO A 37 32.49 5.31 -5.90
N PRO A 38 32.61 3.97 -6.13
CA PRO A 38 33.15 3.57 -7.44
C PRO A 38 32.50 4.20 -8.66
N VAL A 39 31.26 4.69 -8.55
CA VAL A 39 30.55 5.26 -9.71
C VAL A 39 30.21 6.74 -9.50
N TYR A 40 30.69 7.32 -8.39
CA TYR A 40 30.44 8.73 -8.08
C TYR A 40 30.93 9.71 -9.15
N ASN A 41 32.20 9.60 -9.56
CA ASN A 41 32.77 10.56 -10.53
C ASN A 41 32.18 10.45 -11.91
N ILE A 42 31.92 9.22 -12.35
CA ILE A 42 31.27 8.99 -13.63
C ILE A 42 29.85 9.57 -13.61
N PHE A 43 29.16 9.42 -12.47
CA PHE A 43 27.82 9.98 -12.33
C PHE A 43 27.87 11.52 -12.42
N MET A 44 28.76 12.13 -11.66
CA MET A 44 28.89 13.59 -11.67
C MET A 44 29.23 14.07 -13.10
N LYS A 45 30.11 13.33 -13.75
CA LYS A 45 30.50 13.69 -15.09
C LYS A 45 29.31 13.62 -16.05
N ASN A 46 28.53 12.52 -16.04
CA ASN A 46 27.33 12.44 -16.88
C ASN A 46 26.34 13.55 -16.57
N TYR A 47 26.18 13.85 -15.28
CA TYR A 47 25.28 14.91 -14.86
C TYR A 47 25.72 16.28 -15.39
N LYS A 48 26.99 16.59 -15.22
CA LYS A 48 27.56 17.88 -15.66
C LYS A 48 27.37 18.01 -17.17
N ASN A 49 27.70 16.93 -17.89
CA ASN A 49 27.58 16.86 -19.33
C ASN A 49 26.15 16.84 -19.89
N GLY A 50 25.13 16.95 -19.03
CA GLY A 50 23.74 16.97 -19.49
C GLY A 50 23.12 15.63 -19.89
N LYS A 51 23.78 14.50 -19.67
CA LYS A 51 23.18 13.20 -20.05
C LYS A 51 21.84 12.89 -19.40
N PHE A 52 21.54 13.52 -18.27
CA PHE A 52 20.35 13.14 -17.50
C PHE A 52 19.22 14.16 -17.70
N ASP A 53 19.49 15.18 -18.52
CA ASP A 53 18.58 16.32 -18.65
C ASP A 53 17.17 15.91 -19.04
N ASN A 54 17.02 15.06 -20.04
CA ASN A 54 15.67 14.58 -20.43
C ASN A 54 15.00 13.71 -19.36
N ASP A 55 15.79 12.89 -18.66
CA ASP A 55 15.25 12.05 -17.57
C ASP A 55 14.78 12.84 -16.36
N MET A 56 15.20 14.10 -16.30
CA MET A 56 14.88 14.97 -15.16
C MET A 56 13.60 15.76 -15.32
N ILE A 57 12.97 15.65 -16.48
CA ILE A 57 11.76 16.43 -16.76
C ILE A 57 10.56 15.80 -16.05
N ILE A 58 9.93 16.55 -15.16
CA ILE A 58 8.79 16.06 -14.38
C ILE A 58 7.48 16.29 -15.16
N ASP A 59 7.43 17.38 -15.91
CA ASP A 59 6.41 17.65 -16.97
C ASP A 59 6.57 19.08 -17.53
N LYS A 60 5.54 19.56 -18.25
CA LYS A 60 5.50 20.91 -18.84
C LYS A 60 6.12 22.01 -17.96
N ASP A 61 5.76 22.04 -16.69
CA ASP A 61 6.29 23.09 -15.83
C ASP A 61 7.59 22.73 -15.09
N LYS A 62 7.76 21.45 -14.75
CA LYS A 62 8.71 21.07 -13.69
C LYS A 62 9.92 20.22 -14.12
N LYS A 63 11.07 20.59 -13.56
CA LYS A 63 12.36 19.84 -13.65
C LYS A 63 12.67 19.29 -12.24
N MET A 64 13.21 18.07 -12.15
N MET A 64 13.21 18.06 -12.15
CA MET A 64 13.67 17.52 -10.86
CA MET A 64 13.71 17.53 -10.87
C MET A 64 14.67 18.47 -10.15
C MET A 64 14.65 18.52 -10.16
N ASN A 65 14.33 18.87 -8.93
CA ASN A 65 15.24 19.69 -8.12
C ASN A 65 16.08 18.74 -7.31
N ILE A 66 17.39 18.71 -7.54
CA ILE A 66 18.25 17.86 -6.77
C ILE A 66 19.06 18.75 -5.86
N LEU A 67 18.84 18.60 -4.56
CA LEU A 67 19.51 19.39 -3.54
C LEU A 67 21.02 19.11 -3.47
N ASP A 68 21.43 17.85 -3.36
CA ASP A 68 22.84 17.50 -3.29
C ASP A 68 23.08 16.07 -3.79
N MET A 69 24.34 15.75 -4.01
CA MET A 69 24.75 14.45 -4.47
C MET A 69 26.05 14.13 -3.74
N LEU A 70 26.01 13.07 -2.92
CA LEU A 70 27.15 12.75 -2.05
C LEU A 70 27.67 11.33 -2.22
N PRO A 71 29.00 11.12 -2.13
CA PRO A 71 29.47 9.72 -2.13
C PRO A 71 28.99 9.00 -0.86
N PHE A 72 28.55 7.75 -1.01
CA PHE A 72 27.96 6.97 0.10
C PHE A 72 28.26 5.50 -0.10
N ASP A 73 28.93 4.89 0.86
CA ASP A 73 29.21 3.46 0.82
C ASP A 73 28.58 2.77 2.05
N ALA A 74 27.64 1.86 1.76
CA ALA A 74 26.89 1.19 2.81
C ALA A 74 27.67 0.04 3.43
N SER A 75 28.85 -0.24 2.88
CA SER A 75 29.78 -1.20 3.46
C SER A 75 30.34 -0.75 4.81
N PHE A 76 30.34 0.57 5.04
CA PHE A 76 31.04 1.19 6.17
C PHE A 76 30.16 2.02 7.07
N ASP A 77 30.17 1.67 8.36
CA ASP A 77 29.36 2.38 9.35
C ASP A 77 30.01 3.69 9.76
N THR A 78 31.31 3.64 10.03
CA THR A 78 32.02 4.84 10.46
C THR A 78 33.39 4.87 9.83
N ALA A 79 34.01 6.05 9.98
CA ALA A 79 35.34 6.30 9.46
C ALA A 79 36.31 5.17 9.80
N ASN A 80 36.26 4.69 11.03
CA ASN A 80 37.05 3.56 11.55
CA ASN A 80 37.19 3.63 11.39
C ASN A 80 36.93 2.26 10.78
N ASP A 81 35.85 2.13 10.01
CA ASP A 81 35.58 0.84 9.39
C ASP A 81 36.22 0.67 8.03
N ILE A 82 36.73 1.72 7.43
CA ILE A 82 37.35 1.56 6.11
C ILE A 82 38.73 0.93 6.25
N ASP A 83 38.97 -0.11 5.44
CA ASP A 83 40.28 -0.76 5.36
C ASP A 83 41.23 0.02 4.46
N GLU A 84 42.54 -0.26 4.61
CA GLU A 84 43.63 0.34 3.80
C GLU A 84 43.47 0.19 2.28
N GLU A 85 43.04 -1.00 1.83
CA GLU A 85 42.76 -1.28 0.40
C GLU A 85 41.74 -0.32 -0.22
N THR A 86 40.73 0.06 0.57
CA THR A 86 39.71 0.99 0.09
C THR A 86 40.23 2.42 0.22
N LYS A 87 40.75 2.76 1.40
CA LYS A 87 41.52 3.98 1.62
C LYS A 87 42.41 4.28 0.40
N ASN A 88 43.13 3.26 -0.08
CA ASN A 88 44.10 3.38 -1.18
C ASN A 88 43.52 3.31 -2.61
N ASN A 89 42.25 2.92 -2.74
CA ASN A 89 41.64 2.74 -4.04
C ASN A 89 41.59 4.04 -4.87
N LYS A 90 41.89 3.93 -6.16
CA LYS A 90 41.83 5.05 -7.10
C LYS A 90 40.59 5.90 -6.87
N ARG A 91 39.42 5.27 -6.95
CA ARG A 91 38.12 5.95 -6.85
C ARG A 91 37.81 6.56 -5.47
N TYR A 92 38.26 5.92 -4.39
CA TYR A 92 37.95 6.41 -3.05
C TYR A 92 38.92 7.48 -2.54
N ASN A 93 40.20 7.36 -2.94
CA ASN A 93 41.29 8.21 -2.41
C ASN A 93 40.94 9.68 -2.53
N MET A 94 40.24 10.04 -3.61
CA MET A 94 39.82 11.41 -3.87
C MET A 94 38.46 11.79 -3.32
N LEU A 95 37.90 10.95 -2.44
CA LEU A 95 36.64 11.32 -1.81
C LEU A 95 36.77 11.18 -0.30
N GLN A 96 35.81 11.73 0.44
CA GLN A 96 35.79 11.57 1.89
C GLN A 96 34.36 11.64 2.43
N ASN A 97 34.24 11.31 3.71
CA ASN A 97 32.98 11.42 4.46
C ASN A 97 31.85 10.68 3.79
N TYR A 98 32.16 9.48 3.32
CA TYR A 98 31.22 8.66 2.60
C TYR A 98 30.77 7.42 3.39
N THR A 99 31.16 7.30 4.66
CA THR A 99 30.59 6.24 5.51
C THR A 99 29.21 6.68 5.94
N ILE A 100 28.40 5.70 6.36
CA ILE A 100 27.05 5.95 6.78
C ILE A 100 26.90 7.07 7.82
N GLU A 101 27.72 7.01 8.87
CA GLU A 101 27.66 8.00 9.92
C GLU A 101 28.09 9.37 9.41
N ASP A 102 29.17 9.40 8.64
CA ASP A 102 29.69 10.64 8.07
C ASP A 102 28.61 11.32 7.19
N VAL A 103 27.92 10.54 6.38
CA VAL A 103 26.88 11.11 5.53
C VAL A 103 25.70 11.69 6.34
N ALA A 104 25.24 10.97 7.36
CA ALA A 104 24.23 11.54 8.27
C ALA A 104 24.70 12.88 8.85
N ASN A 105 25.93 12.92 9.38
CA ASN A 105 26.45 14.16 9.96
C ASN A 105 26.56 15.30 8.94
N LEU A 106 27.07 14.96 7.75
CA LEU A 106 27.25 15.90 6.64
C LEU A 106 25.92 16.49 6.20
N ILE A 107 24.89 15.65 6.02
CA ILE A 107 23.57 16.12 5.60
C ILE A 107 22.98 17.04 6.70
N HIS A 108 23.06 16.57 7.94
CA HIS A 108 22.53 17.33 9.05
C HIS A 108 23.26 18.67 9.19
N GLN A 109 24.55 18.67 8.95
CA GLN A 109 25.29 19.92 9.06
C GLN A 109 24.91 20.90 7.95
N LYS A 110 24.72 20.41 6.73
CA LYS A 110 24.41 21.28 5.59
C LYS A 110 22.94 21.76 5.54
N TYR A 111 22.00 20.87 5.86
CA TYR A 111 20.57 21.09 5.55
C TYR A 111 19.65 20.88 6.71
N GLY A 112 20.18 20.42 7.84
CA GLY A 112 19.33 20.17 9.01
C GLY A 112 18.66 18.81 8.98
N LYS A 113 17.53 18.73 9.67
CA LYS A 113 16.81 17.47 9.86
C LYS A 113 16.00 17.11 8.65
N ILE A 114 15.98 15.83 8.31
CA ILE A 114 15.21 15.38 7.17
C ILE A 114 14.02 14.57 7.65
N ASN A 115 13.12 14.23 6.74
CA ASN A 115 12.00 13.49 7.20
C ASN A 115 11.64 12.28 6.32
N MET A 116 12.49 11.93 5.34
CA MET A 116 12.24 10.80 4.42
C MET A 116 13.55 10.09 4.07
N LEU A 117 13.53 8.77 4.09
CA LEU A 117 14.76 8.02 3.90
C LEU A 117 14.44 6.87 2.98
N VAL A 118 15.24 6.73 1.94
CA VAL A 118 15.09 5.63 0.99
C VAL A 118 16.36 4.79 0.85
N HIS A 119 16.18 3.51 1.08
CA HIS A 119 17.20 2.49 0.86
C HIS A 119 16.89 1.77 -0.47
N SER A 120 17.74 2.02 -1.47
CA SER A 120 17.51 1.45 -2.77
C SER A 120 18.81 0.88 -3.30
N LEU A 121 19.41 -0.04 -2.54
CA LEU A 121 20.69 -0.58 -2.89
C LEU A 121 20.79 -2.02 -2.43
N ALA A 122 21.64 -2.77 -3.14
CA ALA A 122 21.97 -4.15 -2.79
C ALA A 122 23.29 -4.49 -3.44
N ASN A 123 23.96 -5.51 -2.92
CA ASN A 123 25.18 -5.99 -3.52
C ASN A 123 25.43 -7.38 -2.95
N ALA A 124 26.11 -8.20 -3.74
CA ALA A 124 26.35 -9.59 -3.40
C ALA A 124 27.43 -10.05 -4.36
N LYS A 125 28.63 -10.27 -3.84
CA LYS A 125 29.71 -10.61 -4.73
C LYS A 125 29.58 -11.96 -5.44
N GLU A 126 28.78 -12.86 -4.90
CA GLU A 126 28.58 -14.17 -5.51
C GLU A 126 27.17 -14.37 -6.10
N VAL A 127 26.52 -13.28 -6.49
CA VAL A 127 25.17 -13.33 -7.06
C VAL A 127 25.01 -14.37 -8.18
N GLN A 128 26.08 -14.64 -8.92
CA GLN A 128 26.00 -15.56 -10.03
C GLN A 128 26.16 -17.05 -9.67
N LYS A 129 26.39 -17.35 -8.40
CA LYS A 129 26.44 -18.74 -7.95
C LYS A 129 25.13 -19.07 -7.30
N ASP A 130 24.72 -20.32 -7.35
CA ASP A 130 23.52 -20.64 -6.65
C ASP A 130 23.79 -20.75 -5.15
N LEU A 131 22.72 -20.67 -4.36
CA LEU A 131 22.90 -20.60 -2.91
C LEU A 131 23.82 -21.70 -2.41
N LEU A 132 23.73 -22.89 -3.00
CA LEU A 132 24.44 -24.06 -2.46
C LEU A 132 25.95 -23.97 -2.65
N ASN A 133 26.35 -23.25 -3.70
CA ASN A 133 27.76 -23.05 -4.01
C ASN A 133 28.29 -21.67 -3.57
N THR A 134 27.49 -20.93 -2.81
CA THR A 134 27.90 -19.63 -2.25
C THR A 134 28.83 -19.82 -1.04
N SER A 135 29.92 -19.09 -1.00
CA SER A 135 30.85 -19.20 0.16
C SER A 135 30.36 -18.39 1.36
N ARG A 136 30.94 -18.65 2.52
CA ARG A 136 30.58 -17.92 3.71
C ARG A 136 30.86 -16.44 3.51
N LYS A 137 32.04 -16.13 2.94
CA LYS A 137 32.39 -14.74 2.71
C LYS A 137 31.38 -14.10 1.76
N GLY A 138 31.04 -14.79 0.68
CA GLY A 138 30.06 -14.27 -0.31
C GLY A 138 28.66 -14.05 0.30
N TYR A 139 28.19 -15.00 1.09
CA TYR A 139 26.87 -14.92 1.71
C TYR A 139 26.80 -13.72 2.68
N LEU A 140 27.82 -13.61 3.52
CA LEU A 140 27.85 -12.56 4.51
C LEU A 140 28.00 -11.18 3.86
N ASP A 141 28.69 -11.13 2.71
CA ASP A 141 28.77 -9.89 1.90
C ASP A 141 27.38 -9.43 1.45
N ALA A 142 26.61 -10.35 0.88
CA ALA A 142 25.24 -10.09 0.48
C ALA A 142 24.42 -9.55 1.64
N LEU A 143 24.43 -10.25 2.79
CA LEU A 143 23.73 -9.76 4.00
C LEU A 143 24.25 -8.40 4.55
N SER A 144 25.56 -8.21 4.49
CA SER A 144 26.21 -7.00 5.00
C SER A 144 25.76 -5.78 4.21
N LYS A 145 25.86 -5.90 2.91
CA LYS A 145 25.58 -4.80 2.02
C LYS A 145 24.13 -4.58 1.66
N SER A 146 23.35 -5.67 1.65
CA SER A 146 21.95 -5.60 1.23
C SER A 146 20.93 -5.53 2.37
N SER A 147 21.31 -6.01 3.56
CA SER A 147 20.41 -6.10 4.73
C SER A 147 20.88 -5.30 5.93
N TYR A 148 22.12 -5.58 6.40
CA TYR A 148 22.59 -4.85 7.57
C TYR A 148 22.64 -3.38 7.28
N SER A 149 22.93 -3.02 6.02
CA SER A 149 23.01 -1.60 5.63
C SER A 149 21.72 -0.79 5.95
N LEU A 150 20.59 -1.46 5.97
CA LEU A 150 19.32 -0.83 6.27
C LEU A 150 19.26 -0.53 7.75
N ILE A 151 19.61 -1.52 8.56
CA ILE A 151 19.68 -1.29 10.00
C ILE A 151 20.62 -0.13 10.30
N SER A 152 21.84 -0.20 9.76
CA SER A 152 22.82 0.88 10.06
C SER A 152 22.30 2.27 9.60
N LEU A 153 21.71 2.32 8.40
CA LEU A 153 21.14 3.57 7.92
C LEU A 153 20.15 4.13 8.94
N CYS A 154 19.33 3.26 9.49
CA CYS A 154 18.30 3.69 10.44
C CYS A 154 18.96 4.17 11.71
N LYS A 155 19.90 3.38 12.19
CA LYS A 155 20.58 3.70 13.44
C LYS A 155 21.20 5.11 13.40
N TYR A 156 21.83 5.46 12.28
CA TYR A 156 22.52 6.75 12.20
C TYR A 156 21.61 7.89 11.76
N PHE A 157 20.59 7.57 10.98
CA PHE A 157 19.71 8.61 10.45
C PHE A 157 18.62 9.07 11.36
N VAL A 158 18.16 8.22 12.28
CA VAL A 158 17.10 8.63 13.21
C VAL A 158 17.48 9.89 13.95
N ASN A 159 18.71 10.00 14.39
CA ASN A 159 19.15 11.23 15.05
C ASN A 159 18.89 12.52 14.26
N ILE A 160 18.88 12.43 12.92
CA ILE A 160 18.72 13.59 12.11
C ILE A 160 17.36 13.66 11.42
N MET A 161 16.41 12.92 11.94
CA MET A 161 15.07 12.89 11.34
C MET A 161 14.02 13.49 12.25
N LYS A 162 12.93 13.99 11.67
CA LYS A 162 11.84 14.54 12.48
C LYS A 162 10.95 13.43 12.98
N PRO A 163 10.20 13.65 14.08
CA PRO A 163 9.16 12.69 14.45
C PRO A 163 8.19 12.57 13.31
N GLN A 164 7.51 11.42 13.23
CA GLN A 164 6.64 11.12 12.09
C GLN A 164 7.34 11.03 10.73
N SER A 165 8.64 10.81 10.73
CA SER A 165 9.33 10.58 9.46
C SER A 165 9.04 9.18 8.93
N SER A 166 9.48 8.90 7.71
CA SER A 166 9.15 7.63 7.04
C SER A 166 10.34 7.13 6.26
N ILE A 167 10.47 5.81 6.21
CA ILE A 167 11.62 5.12 5.64
C ILE A 167 11.14 3.96 4.75
N ILE A 168 11.77 3.77 3.60
CA ILE A 168 11.42 2.61 2.77
C ILE A 168 12.67 1.95 2.21
N SER A 169 12.56 0.65 1.90
CA SER A 169 13.62 -0.04 1.19
C SER A 169 12.94 -0.83 0.07
N LEU A 170 13.73 -1.52 -0.73
CA LEU A 170 13.20 -2.33 -1.83
C LEU A 170 13.57 -3.79 -1.66
N THR A 171 12.62 -4.66 -1.93
CA THR A 171 12.90 -6.08 -1.83
C THR A 171 12.40 -6.80 -3.08
N TYR A 172 12.49 -8.11 -3.04
CA TYR A 172 12.09 -8.92 -4.16
C TYR A 172 11.54 -10.26 -3.63
N HIS A 173 10.50 -10.75 -4.31
CA HIS A 173 9.68 -11.94 -3.94
C HIS A 173 10.48 -13.26 -3.88
N ALA A 174 11.74 -13.24 -4.37
CA ALA A 174 12.67 -14.37 -4.20
C ALA A 174 12.95 -14.69 -2.73
N SER A 175 12.60 -13.77 -1.83
CA SER A 175 12.73 -14.01 -0.39
C SER A 175 11.69 -15.05 0.09
N GLN A 176 10.57 -15.08 -0.62
CA GLN A 176 9.41 -15.88 -0.23
C GLN A 176 9.17 -17.12 -1.09
N LYS A 177 9.49 -16.99 -2.38
CA LYS A 177 9.37 -18.07 -3.35
C LYS A 177 10.65 -18.19 -4.15
N VAL A 178 10.95 -19.42 -4.54
CA VAL A 178 12.20 -19.71 -5.17
C VAL A 178 12.30 -19.13 -6.58
N VAL A 179 13.36 -18.34 -6.78
CA VAL A 179 13.78 -17.85 -8.09
C VAL A 179 15.21 -18.33 -8.35
N PRO A 180 15.33 -19.42 -9.13
CA PRO A 180 16.58 -20.14 -9.43
C PRO A 180 17.82 -19.26 -9.67
N GLY A 181 17.78 -18.29 -10.58
CA GLY A 181 19.02 -17.50 -10.78
C GLY A 181 19.34 -16.39 -9.75
N TYR A 182 18.50 -16.22 -8.72
CA TYR A 182 18.72 -15.13 -7.74
C TYR A 182 19.66 -15.65 -6.67
N GLY A 183 20.94 -15.77 -7.05
CA GLY A 183 21.91 -16.44 -6.19
C GLY A 183 22.72 -15.58 -5.23
N GLY A 184 23.75 -16.18 -4.65
CA GLY A 184 24.75 -15.47 -3.83
C GLY A 184 24.27 -15.03 -2.45
N GLY A 185 23.08 -15.53 -2.05
CA GLY A 185 22.51 -15.18 -0.79
C GLY A 185 21.68 -13.90 -0.89
N MET A 186 21.47 -13.41 -2.10
CA MET A 186 20.51 -12.29 -2.32
C MET A 186 19.08 -12.62 -1.84
N SER A 187 18.66 -13.85 -2.04
CA SER A 187 17.33 -14.31 -1.57
C SER A 187 17.32 -14.27 -0.06
N SER A 188 18.42 -14.72 0.55
CA SER A 188 18.55 -14.74 2.00
C SER A 188 18.54 -13.30 2.52
N ALA A 189 19.26 -12.40 1.84
CA ALA A 189 19.38 -11.01 2.27
C ALA A 189 18.01 -10.33 2.22
N LYS A 190 17.25 -10.60 1.16
CA LYS A 190 15.91 -10.04 1.05
C LYS A 190 14.96 -10.60 2.12
N ALA A 191 15.12 -11.88 2.47
CA ALA A 191 14.27 -12.46 3.51
C ALA A 191 14.58 -11.73 4.82
N ALA A 192 15.87 -11.47 5.06
CA ALA A 192 16.28 -10.82 6.30
C ALA A 192 15.80 -9.37 6.34
N LEU A 193 15.88 -8.69 5.20
CA LEU A 193 15.40 -7.29 5.09
C LEU A 193 13.89 -7.18 5.39
N GLU A 194 13.11 -8.11 4.89
CA GLU A 194 11.66 -8.03 5.10
C GLU A 194 11.31 -8.28 6.58
N SER A 195 12.04 -9.17 7.23
CA SER A 195 11.83 -9.44 8.65
C SER A 195 12.36 -8.27 9.50
N ASP A 196 13.55 -7.79 9.18
CA ASP A 196 14.15 -6.60 9.78
C ASP A 196 13.24 -5.38 9.69
N THR A 197 12.50 -5.28 8.58
CA THR A 197 11.55 -4.18 8.40
C THR A 197 10.48 -4.21 9.51
N ARG A 198 10.06 -5.42 9.86
CA ARG A 198 9.07 -5.53 10.93
C ARG A 198 9.64 -5.12 12.29
N VAL A 199 10.78 -5.72 12.63
CA VAL A 199 11.40 -5.49 13.93
C VAL A 199 11.74 -4.00 14.07
N LEU A 200 12.32 -3.42 13.02
CA LEU A 200 12.61 -1.98 13.02
C LEU A 200 11.32 -1.15 13.19
N ALA A 201 10.24 -1.56 12.53
CA ALA A 201 8.96 -0.87 12.64
C ALA A 201 8.51 -0.78 14.10
N TYR A 202 8.67 -1.89 14.84
CA TYR A 202 8.38 -1.91 16.27
C TYR A 202 9.25 -0.88 17.03
N HIS A 203 10.59 -0.98 16.89
CA HIS A 203 11.52 -0.10 17.60
C HIS A 203 11.34 1.39 17.24
N LEU A 204 11.37 1.69 15.95
CA LEU A 204 11.20 3.07 15.48
C LEU A 204 9.81 3.65 15.74
N GLY A 205 8.77 2.81 15.70
CA GLY A 205 7.39 3.25 15.95
C GLY A 205 7.21 3.58 17.43
N ARG A 206 7.59 2.66 18.31
CA ARG A 206 7.40 2.93 19.73
C ARG A 206 8.31 4.03 20.23
N ASN A 207 9.57 4.06 19.76
CA ASN A 207 10.56 4.95 20.36
C ASN A 207 10.55 6.33 19.70
N TYR A 208 10.23 6.43 18.41
CA TYR A 208 10.35 7.72 17.73
C TYR A 208 9.14 8.09 16.92
N ASN A 209 8.14 7.23 16.89
CA ASN A 209 7.02 7.43 16.04
C ASN A 209 7.40 7.55 14.56
N ILE A 210 8.38 6.77 14.12
CA ILE A 210 8.85 6.79 12.74
C ILE A 210 8.37 5.49 12.11
N ARG A 211 7.88 5.61 10.87
CA ARG A 211 7.46 4.42 10.12
C ARG A 211 8.52 3.83 9.19
N ILE A 212 8.42 2.53 8.94
CA ILE A 212 9.31 1.90 7.94
C ILE A 212 8.51 0.80 7.25
N ASN A 213 8.61 0.75 5.93
CA ASN A 213 8.02 -0.25 5.09
C ASN A 213 8.99 -0.66 3.96
N THR A 214 8.63 -1.71 3.25
CA THR A 214 9.49 -2.18 2.16
C THR A 214 8.61 -2.47 0.93
N ILE A 215 9.11 -2.10 -0.23
CA ILE A 215 8.35 -2.31 -1.45
C ILE A 215 8.95 -3.50 -2.19
N SER A 216 8.12 -4.49 -2.42
CA SER A 216 8.56 -5.64 -3.21
C SER A 216 8.22 -5.35 -4.67
N ALA A 217 9.25 -4.93 -5.41
CA ALA A 217 9.07 -4.53 -6.83
C ALA A 217 9.15 -5.69 -7.80
N GLY A 218 8.43 -5.55 -8.91
CA GLY A 218 8.65 -6.47 -10.05
C GLY A 218 9.90 -6.11 -10.85
N PRO A 219 10.16 -6.82 -11.95
CA PRO A 219 11.48 -6.65 -12.64
C PRO A 219 11.62 -5.36 -13.44
N LEU A 220 12.80 -4.77 -13.38
CA LEU A 220 13.14 -3.53 -14.08
C LEU A 220 14.54 -3.75 -14.61
N LYS A 221 14.74 -3.40 -15.89
CA LYS A 221 16.03 -3.60 -16.49
C LYS A 221 17.03 -2.51 -16.06
N SER A 222 17.52 -2.61 -14.83
CA SER A 222 18.45 -1.66 -14.27
C SER A 222 19.88 -2.17 -14.44
N ARG A 223 20.89 -1.35 -14.10
CA ARG A 223 22.29 -1.81 -14.08
C ARG A 223 22.45 -3.11 -13.31
N ALA A 224 22.12 -3.10 -12.01
CA ALA A 224 22.29 -4.31 -11.21
C ALA A 224 21.55 -5.56 -11.77
N ALA A 225 20.32 -5.37 -12.26
CA ALA A 225 19.55 -6.47 -12.81
C ALA A 225 20.35 -7.20 -13.89
N THR A 226 21.10 -6.43 -14.70
CA THR A 226 21.87 -7.01 -15.79
C THR A 226 23.02 -7.87 -15.27
N ALA A 227 23.35 -7.79 -13.98
CA ALA A 227 24.36 -8.67 -13.38
C ALA A 227 23.89 -10.12 -13.07
N ILE A 228 22.59 -10.33 -12.93
CA ILE A 228 22.08 -11.67 -12.60
C ILE A 228 22.05 -12.58 -13.84
N ASN A 229 22.28 -13.88 -13.64
CA ASN A 229 22.18 -14.91 -14.72
C ASN A 229 21.07 -15.96 -14.56
N LYS A 230 20.61 -16.51 -15.68
CA LYS A 230 19.61 -17.57 -15.68
C LYS A 230 20.26 -18.93 -15.52
N THR A 272 19.38 -13.44 -20.95
CA THR A 272 19.73 -12.95 -19.60
C THR A 272 18.57 -13.07 -18.59
N PHE A 273 18.89 -13.28 -17.32
CA PHE A 273 17.85 -13.38 -16.30
C PHE A 273 16.77 -12.28 -16.39
N ILE A 274 17.20 -11.02 -16.37
CA ILE A 274 16.25 -9.92 -16.28
C ILE A 274 15.36 -9.86 -17.51
N ASP A 275 15.89 -10.28 -18.65
CA ASP A 275 15.11 -10.28 -19.89
C ASP A 275 14.01 -11.34 -19.84
N TYR A 276 14.32 -12.51 -19.28
CA TYR A 276 13.35 -13.54 -18.99
C TYR A 276 12.28 -13.08 -17.98
N ALA A 277 12.72 -12.44 -16.89
CA ALA A 277 11.80 -12.05 -15.83
C ALA A 277 10.76 -11.07 -16.36
N ILE A 278 11.22 -10.16 -17.22
CA ILE A 278 10.38 -9.09 -17.72
C ILE A 278 9.37 -9.64 -18.68
N GLU A 279 9.85 -10.50 -19.59
CA GLU A 279 8.96 -11.16 -20.55
C GLU A 279 7.90 -12.01 -19.83
N TYR A 280 8.29 -12.74 -18.80
CA TYR A 280 7.37 -13.59 -18.04
C TYR A 280 6.31 -12.73 -17.33
N SER A 281 6.77 -11.67 -16.65
CA SER A 281 5.88 -10.73 -15.94
C SER A 281 4.84 -10.08 -16.90
N GLU A 282 5.32 -9.52 -18.01
CA GLU A 282 4.44 -8.96 -19.03
C GLU A 282 3.51 -9.98 -19.70
N LYS A 283 3.86 -11.26 -19.66
CA LYS A 283 2.98 -12.26 -20.24
C LYS A 283 1.95 -12.81 -19.24
N TYR A 284 2.36 -13.02 -18.00
CA TYR A 284 1.50 -13.68 -17.02
C TYR A 284 0.94 -12.82 -15.88
N ALA A 285 1.52 -11.64 -15.62
CA ALA A 285 0.96 -10.82 -14.55
C ALA A 285 -0.52 -10.51 -14.87
N PRO A 286 -1.37 -10.32 -13.83
CA PRO A 286 -2.77 -9.89 -14.03
C PRO A 286 -2.86 -8.61 -14.86
N LEU A 287 -1.95 -7.65 -14.62
CA LEU A 287 -1.89 -6.41 -15.43
C LEU A 287 -0.78 -6.53 -16.46
N ARG A 288 -1.17 -6.49 -17.71
CA ARG A 288 -0.22 -6.76 -18.75
C ARG A 288 0.19 -5.45 -19.32
N GLN A 289 1.08 -4.80 -18.60
CA GLN A 289 1.57 -3.47 -18.94
CA GLN A 289 1.57 -3.47 -18.96
C GLN A 289 3.02 -3.42 -18.48
N LYS A 290 3.80 -2.56 -19.09
CA LYS A 290 5.21 -2.41 -18.77
C LYS A 290 5.36 -1.82 -17.38
N LEU A 291 6.12 -2.47 -16.49
CA LEU A 291 6.35 -1.92 -15.16
C LEU A 291 7.42 -0.84 -15.28
N LEU A 292 7.12 0.38 -14.80
CA LEU A 292 8.06 1.50 -14.89
C LEU A 292 8.63 1.82 -13.54
N SER A 293 9.86 2.35 -13.48
CA SER A 293 10.46 2.74 -12.21
C SER A 293 9.58 3.75 -11.46
N THR A 294 8.93 4.66 -12.19
CA THR A 294 8.04 5.61 -11.56
C THR A 294 6.71 4.98 -11.00
N ASP A 295 6.35 3.77 -11.48
CA ASP A 295 5.26 2.98 -10.86
C ASP A 295 5.66 2.66 -9.41
N ILE A 296 6.94 2.29 -9.19
CA ILE A 296 7.46 2.09 -7.82
C ILE A 296 7.58 3.45 -7.10
N GLY A 297 8.01 4.46 -7.84
CA GLY A 297 8.18 5.80 -7.34
C GLY A 297 6.95 6.40 -6.72
N SER A 298 5.81 6.27 -7.39
CA SER A 298 4.57 6.84 -6.86
C SER A 298 4.10 6.10 -5.60
N VAL A 299 4.36 4.80 -5.50
CA VAL A 299 4.00 4.08 -4.27
C VAL A 299 4.95 4.49 -3.13
N ALA A 300 6.24 4.65 -3.46
CA ALA A 300 7.23 5.10 -2.50
C ALA A 300 6.86 6.47 -1.96
N SER A 301 6.52 7.36 -2.87
CA SER A 301 6.09 8.70 -2.50
C SER A 301 4.89 8.67 -1.56
N PHE A 302 3.93 7.79 -1.87
CA PHE A 302 2.79 7.64 -0.94
C PHE A 302 3.25 7.10 0.43
N LEU A 303 4.07 6.05 0.45
CA LEU A 303 4.52 5.47 1.71
C LEU A 303 5.35 6.45 2.54
N LEU A 304 6.04 7.36 1.86
CA LEU A 304 6.86 8.35 2.53
C LEU A 304 6.07 9.59 2.98
N SER A 305 4.85 9.78 2.47
CA SER A 305 4.01 10.91 2.93
C SER A 305 3.20 10.59 4.20
N ARG A 306 2.60 11.63 4.78
CA ARG A 306 1.66 11.51 5.90
C ARG A 306 0.39 10.73 5.52
N GLU A 307 0.11 10.57 4.21
CA GLU A 307 -1.10 9.89 3.74
C GLU A 307 -1.19 8.44 4.25
N SER A 308 -0.03 7.85 4.47
CA SER A 308 0.09 6.47 4.88
C SER A 308 0.49 6.37 6.34
N ARG A 309 0.10 7.36 7.15
CA ARG A 309 0.40 7.37 8.60
C ARG A 309 0.03 6.11 9.42
N ALA A 310 -0.91 5.30 8.97
CA ALA A 310 -1.34 4.11 9.69
C ALA A 310 -0.70 2.80 9.14
N ILE A 311 0.25 2.92 8.21
CA ILE A 311 0.97 1.77 7.63
C ILE A 311 2.43 1.69 8.07
N THR A 312 2.80 0.59 8.70
CA THR A 312 4.21 0.41 9.07
C THR A 312 4.56 -1.09 9.18
N GLY A 313 5.82 -1.40 8.92
CA GLY A 313 6.33 -2.76 9.06
C GLY A 313 5.88 -3.68 7.92
N GLN A 314 5.36 -3.11 6.83
CA GLN A 314 4.73 -3.90 5.77
C GLN A 314 5.64 -4.13 4.55
N THR A 315 5.45 -5.28 3.88
CA THR A 315 5.97 -5.53 2.53
C THR A 315 4.82 -5.28 1.51
N ILE A 316 4.95 -4.22 0.73
CA ILE A 316 3.93 -3.82 -0.25
C ILE A 316 4.42 -4.25 -1.65
N TYR A 317 3.57 -5.04 -2.33
CA TYR A 317 3.91 -5.55 -3.66
C TYR A 317 3.54 -4.58 -4.76
N VAL A 318 4.53 -4.22 -5.57
CA VAL A 318 4.32 -3.28 -6.68
C VAL A 318 4.92 -3.98 -7.93
N ASP A 319 4.16 -4.91 -8.45
CA ASP A 319 4.65 -5.87 -9.45
C ASP A 319 3.56 -6.27 -10.43
N ASN A 320 2.56 -5.41 -10.61
CA ASN A 320 1.52 -5.73 -11.60
C ASN A 320 0.71 -6.98 -11.21
N GLY A 321 0.81 -7.35 -9.92
CA GLY A 321 0.09 -8.48 -9.31
C GLY A 321 0.72 -9.85 -9.57
N LEU A 322 1.94 -9.88 -10.12
CA LEU A 322 2.52 -11.16 -10.52
C LEU A 322 2.60 -12.11 -9.33
N ASN A 323 2.87 -11.60 -8.12
CA ASN A 323 3.08 -12.45 -6.96
C ASN A 323 1.86 -13.30 -6.60
N ILE A 324 0.65 -12.94 -7.09
CA ILE A 324 -0.56 -13.66 -6.67
C ILE A 324 -0.79 -14.96 -7.48
N MET A 325 -0.09 -15.11 -8.60
CA MET A 325 -0.27 -16.23 -9.52
C MET A 325 0.34 -17.52 -9.00
N PHE A 326 -0.30 -18.66 -9.21
CA PHE A 326 0.35 -19.93 -8.93
C PHE A 326 0.80 -20.55 -10.24
N LEU A 327 -0.17 -20.96 -11.03
CA LEU A 327 0.05 -21.68 -12.28
C LEU A 327 -0.09 -20.70 -13.47
N PRO A 328 1.03 -20.47 -14.20
CA PRO A 328 0.95 -19.77 -15.50
C PRO A 328 -0.18 -20.36 -16.35
N ASP A 329 -1.01 -19.49 -16.94
CA ASP A 329 -2.21 -19.91 -17.70
C ASP A 329 -2.01 -20.06 -19.23
N ASN B 1 -10.92 15.41 -13.54
CA ASN B 1 -12.30 15.74 -14.05
C ASN B 1 -13.12 14.46 -14.17
N GLU B 2 -14.25 14.43 -13.46
CA GLU B 2 -15.12 13.25 -13.44
C GLU B 2 -14.34 12.00 -13.02
N ASP B 3 -13.70 12.05 -11.86
CA ASP B 3 -13.49 10.86 -11.09
C ASP B 3 -14.78 10.71 -10.33
N ILE B 4 -15.44 9.58 -10.54
CA ILE B 4 -16.64 9.24 -9.81
C ILE B 4 -16.48 7.90 -9.06
N CYS B 5 -16.86 7.92 -7.78
CA CYS B 5 -16.76 6.76 -6.94
C CYS B 5 -18.14 6.32 -6.34
N PHE B 6 -18.48 5.04 -6.49
CA PHE B 6 -19.64 4.48 -5.79
C PHE B 6 -19.15 3.82 -4.52
N ILE B 7 -19.66 4.27 -3.38
CA ILE B 7 -19.33 3.67 -2.09
C ILE B 7 -20.54 2.85 -1.57
N ALA B 8 -20.43 1.54 -1.66
CA ALA B 8 -21.46 0.64 -1.17
C ALA B 8 -21.26 0.28 0.31
N GLY B 9 -22.17 0.76 1.16
CA GLY B 9 -22.14 0.48 2.62
C GLY B 9 -21.81 1.70 3.45
N ILE B 10 -22.78 2.62 3.54
CA ILE B 10 -22.67 3.80 4.39
C ILE B 10 -24.02 3.94 5.08
N GLY B 11 -24.03 4.05 6.40
CA GLY B 11 -25.27 4.09 7.16
C GLY B 11 -25.31 5.29 8.06
N ASP B 12 -24.14 5.93 8.24
CA ASP B 12 -23.97 7.07 9.14
C ASP B 12 -22.55 7.58 8.90
N THR B 13 -22.06 8.43 9.81
CA THR B 13 -20.76 9.02 9.67
C THR B 13 -19.71 8.42 10.58
N ASN B 14 -20.00 7.28 11.20
CA ASN B 14 -19.14 6.69 12.21
CA ASN B 14 -19.09 6.71 12.20
C ASN B 14 -18.29 5.50 11.71
N GLY B 15 -18.47 5.11 10.45
CA GLY B 15 -17.75 3.95 9.92
C GLY B 15 -16.65 4.32 8.96
N TYR B 16 -16.08 3.32 8.29
CA TYR B 16 -14.98 3.54 7.34
C TYR B 16 -15.47 4.13 6.02
N GLY B 17 -16.68 3.74 5.60
CA GLY B 17 -17.31 4.33 4.42
C GLY B 17 -17.30 5.86 4.41
N TRP B 18 -17.59 6.49 5.55
CA TRP B 18 -17.60 7.95 5.72
C TRP B 18 -16.19 8.52 5.63
N GLY B 19 -15.25 7.84 6.27
CA GLY B 19 -13.84 8.22 6.22
C GLY B 19 -13.29 8.17 4.82
N ILE B 20 -13.63 7.13 4.07
CA ILE B 20 -13.25 7.00 2.69
C ILE B 20 -13.88 8.15 1.86
N ALA B 21 -15.18 8.41 2.04
CA ALA B 21 -15.85 9.49 1.32
C ALA B 21 -15.14 10.84 1.54
N LYS B 22 -14.85 11.13 2.80
CA LYS B 22 -14.23 12.38 3.16
C LYS B 22 -12.85 12.58 2.50
N GLU B 23 -12.02 11.56 2.55
CA GLU B 23 -10.70 11.62 1.89
C GLU B 23 -10.79 11.71 0.37
N LEU B 24 -11.75 11.02 -0.22
CA LEU B 24 -11.91 11.10 -1.67
C LEU B 24 -12.40 12.50 -2.05
N SER B 25 -13.30 13.02 -1.26
CA SER B 25 -13.87 14.33 -1.49
C SER B 25 -12.75 15.36 -1.52
N LYS B 26 -11.79 15.24 -0.61
CA LYS B 26 -10.60 16.08 -0.58
C LYS B 26 -9.81 16.10 -1.86
N ARG B 27 -9.93 15.04 -2.66
CA ARG B 27 -9.26 14.97 -3.94
C ARG B 27 -10.25 15.32 -5.05
N ASN B 28 -11.39 15.92 -4.71
CA ASN B 28 -12.40 16.30 -5.72
C ASN B 28 -13.02 15.14 -6.51
N VAL B 29 -13.06 13.96 -5.90
CA VAL B 29 -13.75 12.81 -6.50
C VAL B 29 -15.22 12.98 -6.19
N LYS B 30 -16.08 12.81 -7.17
CA LYS B 30 -17.53 12.85 -6.90
C LYS B 30 -17.99 11.54 -6.25
N ILE B 31 -18.75 11.67 -5.17
CA ILE B 31 -19.22 10.54 -4.35
C ILE B 31 -20.68 10.14 -4.57
N ILE B 32 -20.94 8.85 -4.81
CA ILE B 32 -22.30 8.32 -4.80
C ILE B 32 -22.44 7.30 -3.66
N PHE B 33 -23.42 7.47 -2.76
CA PHE B 33 -23.58 6.56 -1.64
C PHE B 33 -24.62 5.52 -1.99
N GLY B 34 -24.30 4.27 -1.67
CA GLY B 34 -25.24 3.16 -1.76
C GLY B 34 -25.64 2.82 -0.33
N ILE B 35 -26.92 3.02 -0.01
CA ILE B 35 -27.39 2.91 1.38
C ILE B 35 -28.41 1.76 1.56
N TRP B 36 -28.14 0.90 2.52
CA TRP B 36 -28.95 -0.28 2.77
C TRP B 36 -30.37 0.17 3.17
N PRO B 37 -31.41 -0.43 2.54
CA PRO B 37 -32.77 0.09 2.78
C PRO B 37 -33.22 0.11 4.26
N PRO B 38 -32.81 -0.86 5.07
CA PRO B 38 -33.25 -0.72 6.46
C PRO B 38 -32.87 0.62 7.16
N VAL B 39 -31.82 1.31 6.71
CA VAL B 39 -31.39 2.56 7.36
C VAL B 39 -31.41 3.77 6.41
N TYR B 40 -31.89 3.56 5.18
CA TYR B 40 -31.91 4.59 4.18
C TYR B 40 -32.70 5.85 4.59
N ASN B 41 -33.94 5.66 5.06
CA ASN B 41 -34.76 6.81 5.39
C ASN B 41 -34.21 7.60 6.56
N ILE B 42 -33.75 6.89 7.58
CA ILE B 42 -33.13 7.55 8.72
C ILE B 42 -31.85 8.28 8.32
N PHE B 43 -31.10 7.70 7.40
CA PHE B 43 -29.95 8.38 6.83
C PHE B 43 -30.35 9.70 6.16
N MET B 44 -31.32 9.64 5.25
CA MET B 44 -31.75 10.82 4.49
C MET B 44 -32.28 11.94 5.39
N LYS B 45 -33.13 11.57 6.36
CA LYS B 45 -33.73 12.55 7.30
C LYS B 45 -32.65 13.23 8.12
N ASN B 46 -31.76 12.45 8.74
CA ASN B 46 -30.59 13.03 9.39
C ASN B 46 -29.85 13.99 8.47
N TYR B 47 -29.67 13.59 7.23
CA TYR B 47 -28.91 14.37 6.29
C TYR B 47 -29.60 15.70 6.00
N LYS B 48 -30.89 15.58 5.66
CA LYS B 48 -31.77 16.72 5.42
C LYS B 48 -31.87 17.71 6.59
N ASN B 49 -32.11 17.19 7.80
CA ASN B 49 -32.12 18.03 9.01
C ASN B 49 -30.73 18.54 9.40
N GLY B 50 -29.77 18.46 8.48
CA GLY B 50 -28.41 18.94 8.73
C GLY B 50 -27.61 18.29 9.87
N LYS B 51 -27.97 17.08 10.26
CA LYS B 51 -27.26 16.38 11.34
C LYS B 51 -25.81 15.99 10.98
N PHE B 52 -25.46 15.96 9.69
CA PHE B 52 -24.12 15.53 9.28
C PHE B 52 -23.20 16.70 8.89
N ASP B 53 -23.73 17.92 8.96
CA ASP B 53 -23.02 19.09 8.47
C ASP B 53 -21.67 19.27 9.11
N ASN B 54 -21.56 19.07 10.42
CA ASN B 54 -20.28 19.12 11.09
C ASN B 54 -19.36 18.07 10.47
N ASP B 55 -19.87 16.84 10.36
CA ASP B 55 -19.08 15.73 9.86
C ASP B 55 -18.61 15.85 8.40
N MET B 56 -19.24 16.75 7.64
CA MET B 56 -18.85 17.00 6.27
C MET B 56 -17.78 18.09 6.09
N ILE B 57 -17.32 18.68 7.19
CA ILE B 57 -16.29 19.72 7.10
C ILE B 57 -14.90 19.11 6.87
N ILE B 58 -14.23 19.56 5.81
CA ILE B 58 -12.85 19.15 5.50
C ILE B 58 -11.71 20.13 5.88
N ASP B 59 -11.41 21.09 5.01
CA ASP B 59 -10.22 21.95 5.16
C ASP B 59 -10.51 23.03 6.23
N LYS B 60 -11.78 23.09 6.68
CA LYS B 60 -12.36 24.26 7.36
C LYS B 60 -12.59 25.38 6.32
N ASP B 61 -12.03 25.19 5.13
CA ASP B 61 -12.36 26.03 3.99
C ASP B 61 -12.99 25.15 2.92
N LYS B 62 -13.33 23.91 3.30
CA LYS B 62 -13.80 22.88 2.34
C LYS B 62 -14.77 21.90 2.99
N LYS B 63 -15.87 21.61 2.30
CA LYS B 63 -16.91 20.69 2.78
C LYS B 63 -17.20 19.59 1.74
N MET B 64 -17.48 18.37 2.21
N MET B 64 -17.48 18.37 2.21
CA MET B 64 -17.72 17.22 1.33
CA MET B 64 -17.70 17.24 1.32
C MET B 64 -18.82 17.49 0.32
C MET B 64 -18.80 17.52 0.31
N ASN B 65 -18.63 17.04 -0.92
CA ASN B 65 -19.66 17.17 -1.91
C ASN B 65 -20.11 15.76 -2.26
N ILE B 66 -21.41 15.49 -2.13
CA ILE B 66 -22.00 14.20 -2.37
C ILE B 66 -22.88 14.30 -3.61
N LEU B 67 -22.50 13.56 -4.66
CA LEU B 67 -23.21 13.60 -5.93
C LEU B 67 -24.60 12.98 -5.87
N ASP B 68 -24.75 11.91 -5.09
CA ASP B 68 -26.04 11.21 -5.03
C ASP B 68 -26.06 10.18 -3.88
N MET B 69 -27.26 9.75 -3.51
CA MET B 69 -27.49 8.83 -2.40
C MET B 69 -28.58 7.88 -2.81
N LEU B 70 -28.25 6.59 -2.89
CA LEU B 70 -29.10 5.63 -3.58
C LEU B 70 -29.37 4.44 -2.65
N PRO B 71 -30.64 3.96 -2.58
CA PRO B 71 -30.89 2.74 -1.83
C PRO B 71 -30.19 1.56 -2.51
N PHE B 72 -29.56 0.73 -1.70
CA PHE B 72 -28.72 -0.35 -2.24
C PHE B 72 -28.74 -1.57 -1.30
N ASP B 73 -29.06 -2.72 -1.85
CA ASP B 73 -29.00 -3.92 -1.05
C ASP B 73 -28.18 -4.97 -1.77
N ALA B 74 -27.01 -5.23 -1.19
CA ALA B 74 -26.00 -6.13 -1.78
C ALA B 74 -26.39 -7.59 -1.69
N SER B 75 -27.53 -7.89 -1.06
CA SER B 75 -28.12 -9.23 -1.03
C SER B 75 -28.72 -9.65 -2.34
N PHE B 76 -29.12 -8.67 -3.15
CA PHE B 76 -29.83 -9.00 -4.36
C PHE B 76 -29.03 -8.60 -5.58
N ASP B 77 -28.80 -9.57 -6.45
CA ASP B 77 -28.04 -9.33 -7.67
C ASP B 77 -28.88 -8.60 -8.76
N THR B 78 -30.10 -9.05 -8.97
CA THR B 78 -31.00 -8.47 -9.98
C THR B 78 -32.42 -8.45 -9.39
N ALA B 79 -33.26 -7.62 -9.99
CA ALA B 79 -34.70 -7.51 -9.63
C ALA B 79 -35.36 -8.85 -9.45
N ASN B 80 -34.99 -9.81 -10.28
CA ASN B 80 -35.55 -11.16 -10.23
C ASN B 80 -35.18 -11.96 -8.98
N ASP B 81 -34.12 -11.56 -8.28
CA ASP B 81 -33.73 -12.21 -7.02
C ASP B 81 -34.53 -11.75 -5.84
N ILE B 82 -35.20 -10.61 -5.93
CA ILE B 82 -35.89 -10.09 -4.76
C ILE B 82 -37.14 -10.93 -4.43
N ASP B 83 -37.16 -11.54 -3.25
CA ASP B 83 -38.33 -12.32 -2.83
C ASP B 83 -39.55 -11.39 -2.61
N GLU B 84 -40.74 -11.91 -2.91
CA GLU B 84 -41.99 -11.15 -2.70
C GLU B 84 -42.07 -10.49 -1.31
N GLU B 85 -41.63 -11.18 -0.26
CA GLU B 85 -41.73 -10.62 1.09
C GLU B 85 -40.91 -9.34 1.25
N THR B 86 -39.64 -9.38 0.89
CA THR B 86 -38.79 -8.19 0.94
C THR B 86 -39.41 -7.05 0.14
N LYS B 87 -39.84 -7.36 -1.07
CA LYS B 87 -40.37 -6.36 -2.02
C LYS B 87 -41.51 -5.58 -1.39
N ASN B 88 -42.27 -6.26 -0.56
CA ASN B 88 -43.41 -5.68 0.13
C ASN B 88 -43.20 -5.27 1.58
N ASN B 89 -41.98 -5.47 2.05
CA ASN B 89 -41.60 -5.08 3.39
C ASN B 89 -41.74 -3.56 3.57
N LYS B 90 -42.21 -3.14 4.75
CA LYS B 90 -42.38 -1.74 5.12
C LYS B 90 -41.24 -0.83 4.67
N ARG B 91 -39.99 -1.22 4.91
CA ARG B 91 -38.85 -0.38 4.55
C ARG B 91 -38.42 -0.50 3.08
N TYR B 92 -38.89 -1.51 2.36
CA TYR B 92 -38.48 -1.66 0.97
C TYR B 92 -39.53 -1.19 -0.04
N ASN B 93 -40.78 -1.31 0.35
CA ASN B 93 -41.90 -1.14 -0.53
C ASN B 93 -41.92 0.20 -1.31
N MET B 94 -41.46 1.28 -0.69
CA MET B 94 -41.36 2.56 -1.40
C MET B 94 -40.01 2.88 -2.08
N LEU B 95 -39.15 1.88 -2.25
CA LEU B 95 -37.83 2.08 -2.83
C LEU B 95 -37.74 1.27 -4.12
N GLN B 96 -36.93 1.75 -5.07
CA GLN B 96 -36.78 1.06 -6.35
C GLN B 96 -35.33 1.01 -6.76
N ASN B 97 -35.02 0.10 -7.68
CA ASN B 97 -33.68 0.07 -8.32
C ASN B 97 -32.54 -0.05 -7.35
N TYR B 98 -32.72 -0.96 -6.38
CA TYR B 98 -31.79 -1.11 -5.29
C TYR B 98 -30.97 -2.42 -5.34
N THR B 99 -31.22 -3.28 -6.33
CA THR B 99 -30.40 -4.48 -6.51
C THR B 99 -29.08 -4.05 -7.12
N ILE B 100 -28.10 -4.95 -7.13
CA ILE B 100 -26.77 -4.64 -7.64
C ILE B 100 -26.84 -4.28 -9.17
N GLU B 101 -27.52 -5.07 -9.96
CA GLU B 101 -27.64 -4.74 -11.36
C GLU B 101 -28.40 -3.42 -11.55
N ASP B 102 -29.50 -3.21 -10.83
CA ASP B 102 -30.30 -1.99 -11.02
C ASP B 102 -29.56 -0.72 -10.65
N VAL B 103 -28.75 -0.76 -9.59
CA VAL B 103 -27.97 0.41 -9.19
C VAL B 103 -26.89 0.72 -10.18
N ALA B 104 -26.25 -0.32 -10.71
CA ALA B 104 -25.25 -0.13 -11.75
C ALA B 104 -25.94 0.56 -12.97
N ASN B 105 -27.07 0.00 -13.42
CA ASN B 105 -27.86 0.57 -14.51
C ASN B 105 -28.23 2.03 -14.28
N LEU B 106 -28.78 2.27 -13.08
CA LEU B 106 -29.16 3.60 -12.66
C LEU B 106 -27.99 4.59 -12.73
N ILE B 107 -26.86 4.22 -12.13
CA ILE B 107 -25.68 5.10 -12.04
C ILE B 107 -25.23 5.46 -13.47
N HIS B 108 -25.12 4.45 -14.31
CA HIS B 108 -24.68 4.61 -15.67
C HIS B 108 -25.62 5.55 -16.46
N GLN B 109 -26.93 5.30 -16.36
CA GLN B 109 -27.92 6.14 -17.07
C GLN B 109 -27.78 7.59 -16.65
N LYS B 110 -27.65 7.81 -15.35
CA LYS B 110 -27.57 9.14 -14.77
C LYS B 110 -26.24 9.85 -14.96
N TYR B 111 -25.12 9.15 -14.82
CA TYR B 111 -23.83 9.82 -14.84
C TYR B 111 -22.82 9.26 -15.82
N GLY B 112 -23.21 8.28 -16.61
CA GLY B 112 -22.23 7.55 -17.44
C GLY B 112 -21.28 6.61 -16.66
N LYS B 113 -20.17 6.27 -17.28
CA LYS B 113 -19.17 5.37 -16.68
C LYS B 113 -18.44 5.95 -15.46
N ILE B 114 -18.16 5.08 -14.50
CA ILE B 114 -17.40 5.50 -13.32
C ILE B 114 -16.01 4.86 -13.31
N ASN B 115 -15.13 5.29 -12.40
CA ASN B 115 -13.80 4.72 -12.38
C ASN B 115 -13.31 4.29 -10.98
N MET B 116 -14.21 4.34 -10.00
CA MET B 116 -13.81 4.00 -8.63
C MET B 116 -14.97 3.32 -7.92
N LEU B 117 -14.71 2.17 -7.27
CA LEU B 117 -15.74 1.37 -6.60
C LEU B 117 -15.27 0.95 -5.20
N VAL B 118 -16.11 1.18 -4.20
CA VAL B 118 -15.78 0.81 -2.83
C VAL B 118 -16.87 -0.12 -2.23
N HIS B 119 -16.41 -1.31 -1.78
CA HIS B 119 -17.19 -2.28 -1.05
C HIS B 119 -16.80 -2.04 0.40
N SER B 120 -17.75 -1.52 1.17
CA SER B 120 -17.49 -1.20 2.55
C SER B 120 -18.62 -1.76 3.42
N LEU B 121 -18.93 -3.03 3.25
CA LEU B 121 -20.11 -3.57 3.93
C LEU B 121 -19.84 -5.00 4.35
N ALA B 122 -20.54 -5.46 5.36
CA ALA B 122 -20.46 -6.84 5.82
C ALA B 122 -21.70 -7.07 6.63
N ASN B 123 -22.05 -8.35 6.74
CA ASN B 123 -23.18 -8.78 7.55
C ASN B 123 -23.18 -10.26 7.85
N ALA B 124 -23.73 -10.59 9.01
CA ALA B 124 -23.76 -11.97 9.51
C ALA B 124 -24.79 -12.07 10.63
N LYS B 125 -25.85 -12.83 10.40
CA LYS B 125 -26.89 -13.03 11.40
C LYS B 125 -26.40 -13.59 12.75
N GLU B 126 -25.37 -14.42 12.72
CA GLU B 126 -24.90 -15.13 13.91
C GLU B 126 -23.53 -14.72 14.35
N VAL B 127 -23.16 -13.46 14.10
CA VAL B 127 -21.87 -12.93 14.49
C VAL B 127 -21.58 -13.13 15.99
N GLN B 128 -22.63 -13.25 16.78
CA GLN B 128 -22.45 -13.37 18.24
C GLN B 128 -22.07 -14.77 18.69
N LYS B 129 -22.15 -15.74 17.78
CA LYS B 129 -21.84 -17.11 18.14
C LYS B 129 -20.45 -17.47 17.63
N ASP B 130 -19.77 -18.31 18.37
CA ASP B 130 -18.47 -18.78 17.90
CA ASP B 130 -18.50 -18.93 17.99
C ASP B 130 -18.69 -19.65 16.67
N LEU B 131 -17.64 -19.73 15.85
CA LEU B 131 -17.68 -20.49 14.61
C LEU B 131 -18.29 -21.87 14.80
N LEU B 132 -17.84 -22.58 15.82
CA LEU B 132 -18.29 -23.94 16.12
C LEU B 132 -19.80 -24.04 16.33
N ASN B 133 -20.41 -22.98 16.85
CA ASN B 133 -21.85 -22.94 17.12
C ASN B 133 -22.66 -22.23 16.05
N THR B 134 -22.00 -21.87 14.94
CA THR B 134 -22.70 -21.21 13.81
C THR B 134 -23.47 -22.24 12.99
N SER B 135 -24.72 -21.94 12.70
CA SER B 135 -25.56 -22.85 11.92
C SER B 135 -25.15 -22.70 10.47
N ARG B 136 -25.54 -23.68 9.64
CA ARG B 136 -25.30 -23.60 8.22
C ARG B 136 -25.91 -22.35 7.60
N LYS B 137 -27.16 -22.05 7.96
CA LYS B 137 -27.86 -20.89 7.43
C LYS B 137 -27.06 -19.62 7.76
N GLY B 138 -26.62 -19.49 9.03
CA GLY B 138 -25.92 -18.29 9.48
C GLY B 138 -24.57 -18.10 8.76
N TYR B 139 -23.83 -19.19 8.61
CA TYR B 139 -22.54 -19.19 7.92
C TYR B 139 -22.74 -18.77 6.47
N LEU B 140 -23.72 -19.37 5.81
CA LEU B 140 -24.01 -19.00 4.40
C LEU B 140 -24.48 -17.54 4.30
N ASP B 141 -25.19 -17.07 5.30
CA ASP B 141 -25.61 -15.68 5.34
C ASP B 141 -24.38 -14.77 5.36
N ALA B 142 -23.39 -15.14 6.18
CA ALA B 142 -22.19 -14.33 6.32
C ALA B 142 -21.45 -14.30 4.96
N LEU B 143 -21.31 -15.46 4.34
CA LEU B 143 -20.57 -15.51 3.08
C LEU B 143 -21.32 -14.77 1.99
N SER B 144 -22.65 -14.89 1.99
CA SER B 144 -23.47 -14.27 0.97
C SER B 144 -23.34 -12.75 0.94
N LYS B 145 -23.48 -12.16 2.10
CA LYS B 145 -23.54 -10.70 2.24
C LYS B 145 -22.18 -10.05 2.32
N SER B 146 -21.24 -10.73 2.94
CA SER B 146 -19.90 -10.16 3.14
C SER B 146 -18.89 -10.49 2.03
N SER B 147 -19.02 -11.65 1.40
CA SER B 147 -18.05 -12.08 0.42
C SER B 147 -18.61 -12.08 -0.99
N TYR B 148 -19.67 -12.85 -1.22
CA TYR B 148 -20.22 -12.96 -2.56
C TYR B 148 -20.61 -11.58 -3.12
N SER B 149 -21.11 -10.73 -2.24
CA SER B 149 -21.50 -9.40 -2.65
C SER B 149 -20.40 -8.66 -3.41
N LEU B 150 -19.12 -8.83 -3.05
CA LEU B 150 -18.00 -8.23 -3.76
C LEU B 150 -17.93 -8.78 -5.19
N ILE B 151 -18.06 -10.10 -5.33
CA ILE B 151 -17.99 -10.68 -6.65
C ILE B 151 -19.12 -10.16 -7.57
N SER B 152 -20.32 -10.10 -7.04
CA SER B 152 -21.45 -9.62 -7.80
C SER B 152 -21.32 -8.11 -8.15
N LEU B 153 -20.87 -7.31 -7.19
CA LEU B 153 -20.64 -5.88 -7.48
C LEU B 153 -19.70 -5.75 -8.66
N CYS B 154 -18.64 -6.57 -8.66
CA CYS B 154 -17.66 -6.54 -9.74
C CYS B 154 -18.29 -6.93 -11.07
N LYS B 155 -18.99 -8.07 -11.09
CA LYS B 155 -19.60 -8.55 -12.31
C LYS B 155 -20.52 -7.49 -12.98
N TYR B 156 -21.30 -6.74 -12.20
CA TYR B 156 -22.22 -5.75 -12.76
C TYR B 156 -21.63 -4.36 -12.97
N PHE B 157 -20.66 -3.97 -12.15
CA PHE B 157 -20.09 -2.64 -12.27
C PHE B 157 -18.97 -2.56 -13.32
N VAL B 158 -18.33 -3.67 -13.63
CA VAL B 158 -17.27 -3.62 -14.63
C VAL B 158 -17.79 -3.16 -15.99
N ASN B 159 -19.10 -3.31 -16.21
CA ASN B 159 -19.70 -2.85 -17.45
C ASN B 159 -19.84 -1.36 -17.48
N ILE B 160 -19.89 -0.71 -16.32
CA ILE B 160 -20.02 0.72 -16.27
C ILE B 160 -18.73 1.41 -15.83
N MET B 161 -17.61 0.70 -15.90
CA MET B 161 -16.36 1.32 -15.47
C MET B 161 -15.37 1.44 -16.62
N LYS B 162 -14.53 2.46 -16.57
CA LYS B 162 -13.54 2.71 -17.61
C LYS B 162 -12.34 1.79 -17.36
N PRO B 163 -11.62 1.40 -18.42
CA PRO B 163 -10.35 0.67 -18.21
C PRO B 163 -9.47 1.48 -17.27
N GLN B 164 -8.58 0.80 -16.53
CA GLN B 164 -7.71 1.43 -15.52
C GLN B 164 -8.48 1.90 -14.32
N SER B 165 -9.73 1.47 -14.18
CA SER B 165 -10.47 1.67 -12.92
C SER B 165 -9.92 0.81 -11.77
N SER B 166 -10.33 1.19 -10.56
CA SER B 166 -9.86 0.60 -9.35
C SER B 166 -11.01 0.29 -8.38
N ILE B 167 -10.89 -0.86 -7.71
CA ILE B 167 -11.92 -1.35 -6.79
C ILE B 167 -11.25 -1.72 -5.45
N ILE B 168 -11.81 -1.25 -4.33
CA ILE B 168 -11.33 -1.70 -3.02
C ILE B 168 -12.44 -2.26 -2.12
N SER B 169 -12.06 -3.19 -1.25
CA SER B 169 -12.94 -3.60 -0.16
C SER B 169 -12.19 -3.55 1.15
N LEU B 170 -12.89 -3.87 2.23
CA LEU B 170 -12.29 -3.82 3.59
C LEU B 170 -12.36 -5.20 4.24
N THR B 171 -11.26 -5.58 4.85
CA THR B 171 -11.19 -6.88 5.46
C THR B 171 -10.65 -6.75 6.89
N TYR B 172 -10.50 -7.88 7.59
CA TYR B 172 -9.98 -7.86 8.93
C TYR B 172 -9.05 -9.09 9.13
N HIS B 173 -8.01 -8.90 9.96
CA HIS B 173 -6.97 -9.89 10.18
C HIS B 173 -7.44 -11.20 10.80
N ALA B 174 -8.64 -11.23 11.39
CA ALA B 174 -9.24 -12.50 11.86
C ALA B 174 -9.32 -13.57 10.78
N SER B 175 -9.17 -13.18 9.49
CA SER B 175 -9.10 -14.15 8.42
C SER B 175 -7.84 -15.00 8.48
N GLN B 176 -6.75 -14.41 8.95
CA GLN B 176 -5.47 -15.03 8.96
C GLN B 176 -5.06 -15.55 10.33
N LYS B 177 -5.52 -14.87 11.40
CA LYS B 177 -5.13 -15.21 12.79
C LYS B 177 -6.38 -15.25 13.65
N VAL B 178 -6.39 -16.07 14.68
CA VAL B 178 -7.64 -16.32 15.40
C VAL B 178 -7.98 -15.13 16.31
N VAL B 179 -9.19 -14.62 16.14
CA VAL B 179 -9.70 -13.55 16.98
C VAL B 179 -11.00 -14.02 17.63
N PRO B 180 -10.94 -14.38 18.91
CA PRO B 180 -12.14 -14.87 19.58
C PRO B 180 -13.11 -13.73 19.66
N GLY B 181 -14.38 -14.00 19.43
CA GLY B 181 -15.34 -12.93 19.34
C GLY B 181 -15.78 -12.61 17.92
N TYR B 182 -14.91 -12.79 16.94
CA TYR B 182 -15.28 -12.51 15.54
C TYR B 182 -15.96 -13.75 15.00
N GLY B 183 -17.23 -13.93 15.38
CA GLY B 183 -17.94 -15.17 15.10
C GLY B 183 -18.86 -15.16 13.89
N GLY B 184 -19.71 -16.16 13.82
CA GLY B 184 -20.78 -16.24 12.84
C GLY B 184 -20.28 -16.55 11.45
N GLY B 185 -19.02 -16.94 11.31
CA GLY B 185 -18.46 -17.17 9.96
C GLY B 185 -17.93 -15.87 9.36
N MET B 186 -17.90 -14.77 10.14
CA MET B 186 -17.26 -13.53 9.67
C MET B 186 -15.78 -13.76 9.34
N SER B 187 -15.08 -14.56 10.14
CA SER B 187 -13.69 -14.84 9.86
C SER B 187 -13.56 -15.56 8.50
N SER B 188 -14.51 -16.46 8.26
CA SER B 188 -14.51 -17.31 7.09
C SER B 188 -14.82 -16.42 5.91
N ALA B 189 -15.77 -15.53 6.07
CA ALA B 189 -16.10 -14.60 4.99
C ALA B 189 -14.90 -13.65 4.61
N LYS B 190 -14.18 -13.14 5.60
CA LYS B 190 -13.03 -12.30 5.31
C LYS B 190 -11.93 -13.13 4.61
N ALA B 191 -11.69 -14.38 5.02
CA ALA B 191 -10.73 -15.23 4.33
C ALA B 191 -11.09 -15.43 2.85
N ALA B 192 -12.38 -15.61 2.59
CA ALA B 192 -12.88 -15.78 1.26
C ALA B 192 -12.72 -14.49 0.45
N LEU B 193 -13.07 -13.35 1.05
CA LEU B 193 -12.98 -12.05 0.42
C LEU B 193 -11.51 -11.79 0.01
N GLU B 194 -10.56 -12.11 0.91
CA GLU B 194 -9.15 -11.88 0.60
C GLU B 194 -8.66 -12.79 -0.55
N SER B 195 -9.11 -14.04 -0.55
CA SER B 195 -8.75 -14.97 -1.62
C SER B 195 -9.48 -14.56 -2.94
N ASP B 196 -10.74 -14.11 -2.82
CA ASP B 196 -11.49 -13.71 -4.01
C ASP B 196 -10.88 -12.45 -4.64
N THR B 197 -10.26 -11.65 -3.80
CA THR B 197 -9.59 -10.43 -4.28
C THR B 197 -8.45 -10.77 -5.25
N ARG B 198 -7.67 -11.79 -4.94
CA ARG B 198 -6.67 -12.29 -5.89
C ARG B 198 -7.24 -12.82 -7.18
N VAL B 199 -8.20 -13.74 -7.07
CA VAL B 199 -8.80 -14.35 -8.27
C VAL B 199 -9.44 -13.29 -9.18
N LEU B 200 -10.17 -12.37 -8.59
CA LEU B 200 -10.76 -11.25 -9.32
C LEU B 200 -9.71 -10.34 -9.95
N ALA B 201 -8.58 -10.18 -9.26
CA ALA B 201 -7.49 -9.32 -9.75
C ALA B 201 -7.02 -9.90 -11.08
N TYR B 202 -6.99 -11.21 -11.15
CA TYR B 202 -6.55 -11.90 -12.34
C TYR B 202 -7.53 -11.71 -13.49
N HIS B 203 -8.80 -12.06 -13.30
CA HIS B 203 -9.85 -11.86 -14.31
C HIS B 203 -10.01 -10.37 -14.70
N LEU B 204 -10.16 -9.50 -13.72
CA LEU B 204 -10.40 -8.07 -14.04
C LEU B 204 -9.19 -7.40 -14.70
N GLY B 205 -8.00 -7.85 -14.29
CA GLY B 205 -6.76 -7.28 -14.76
C GLY B 205 -6.56 -7.66 -16.21
N ARG B 206 -6.74 -8.95 -16.52
CA ARG B 206 -6.55 -9.45 -17.88
C ARG B 206 -7.65 -9.03 -18.85
N ASN B 207 -8.92 -9.12 -18.46
CA ASN B 207 -10.01 -8.82 -19.37
C ASN B 207 -10.38 -7.36 -19.44
N TYR B 208 -10.12 -6.55 -18.39
CA TYR B 208 -10.59 -5.18 -18.34
C TYR B 208 -9.54 -4.19 -18.00
N ASN B 209 -8.35 -4.65 -17.59
CA ASN B 209 -7.35 -3.70 -17.12
C ASN B 209 -7.89 -2.89 -15.91
N ILE B 210 -8.64 -3.58 -15.06
CA ILE B 210 -9.17 -3.01 -13.83
C ILE B 210 -8.46 -3.64 -12.66
N ARG B 211 -8.13 -2.84 -11.67
CA ARG B 211 -7.45 -3.33 -10.47
C ARG B 211 -8.42 -3.53 -9.28
N ILE B 212 -8.08 -4.46 -8.39
CA ILE B 212 -8.86 -4.67 -7.19
C ILE B 212 -7.89 -5.08 -6.06
N ASN B 213 -8.08 -4.44 -4.89
CA ASN B 213 -7.31 -4.70 -3.69
C ASN B 213 -8.24 -4.69 -2.47
N THR B 214 -7.70 -5.09 -1.33
CA THR B 214 -8.51 -5.01 -0.10
C THR B 214 -7.68 -4.42 1.02
N ILE B 215 -8.30 -3.60 1.85
CA ILE B 215 -7.62 -3.00 2.97
C ILE B 215 -8.00 -3.76 4.23
N SER B 216 -7.02 -4.32 4.93
CA SER B 216 -7.25 -4.94 6.25
C SER B 216 -7.09 -3.85 7.32
N ALA B 217 -8.22 -3.38 7.80
CA ALA B 217 -8.23 -2.20 8.68
C ALA B 217 -8.11 -2.66 10.13
N GLY B 218 -7.54 -1.78 10.99
CA GLY B 218 -7.54 -1.94 12.47
C GLY B 218 -8.92 -1.61 13.02
N PRO B 219 -9.08 -1.68 14.36
CA PRO B 219 -10.41 -1.49 14.98
C PRO B 219 -10.91 -0.03 14.98
N LEU B 220 -12.18 0.15 14.64
CA LEU B 220 -12.84 1.45 14.64
C LEU B 220 -14.24 1.25 15.25
N LYS B 221 -14.59 2.14 16.18
CA LYS B 221 -15.88 2.04 16.86
C LYS B 221 -17.04 2.53 15.99
N SER B 222 -17.41 1.71 15.00
CA SER B 222 -18.46 1.99 14.06
C SER B 222 -19.77 1.39 14.60
N ARG B 223 -20.91 1.64 13.96
CA ARG B 223 -22.19 1.05 14.42
C ARG B 223 -22.12 -0.48 14.42
N ALA B 224 -21.64 -1.07 13.31
CA ALA B 224 -21.52 -2.54 13.18
C ALA B 224 -20.59 -3.16 14.23
N ALA B 225 -19.43 -2.54 14.46
CA ALA B 225 -18.51 -3.00 15.47
C ALA B 225 -19.19 -3.19 16.88
N THR B 226 -20.12 -2.30 17.21
CA THR B 226 -20.84 -2.34 18.49
C THR B 226 -21.79 -3.52 18.58
N ALA B 227 -22.30 -3.93 17.43
CA ALA B 227 -23.18 -5.08 17.38
C ALA B 227 -22.47 -6.43 17.55
N ILE B 228 -21.14 -6.42 17.71
CA ILE B 228 -20.40 -7.63 18.01
C ILE B 228 -20.47 -7.93 19.52
N ASN B 229 -20.76 -6.92 20.32
CA ASN B 229 -20.99 -7.18 21.73
C ASN B 229 -21.99 -8.36 21.86
N LYS B 230 -21.77 -9.27 22.80
CA LYS B 230 -22.80 -10.26 23.15
C LYS B 230 -23.14 -10.08 24.63
N LEU B 231 -24.20 -10.77 25.09
CA LEU B 231 -24.64 -10.76 26.50
C LEU B 231 -25.24 -9.42 26.93
N THR B 272 -16.72 -4.44 25.97
CA THR B 272 -17.23 -5.12 24.77
C THR B 272 -16.10 -5.47 23.81
N PHE B 273 -16.43 -6.29 22.82
CA PHE B 273 -15.44 -6.70 21.84
C PHE B 273 -14.61 -5.53 21.25
N ILE B 274 -15.27 -4.53 20.68
CA ILE B 274 -14.57 -3.43 19.98
C ILE B 274 -13.76 -2.58 20.95
N ASP B 275 -14.24 -2.41 22.19
CA ASP B 275 -13.49 -1.62 23.17
C ASP B 275 -12.20 -2.33 23.52
N TYR B 276 -12.28 -3.64 23.69
CA TYR B 276 -11.08 -4.45 23.95
C TYR B 276 -10.09 -4.30 22.80
N ALA B 277 -10.57 -4.46 21.56
CA ALA B 277 -9.67 -4.44 20.40
C ALA B 277 -8.98 -3.07 20.30
N ILE B 278 -9.76 -1.98 20.49
CA ILE B 278 -9.20 -0.63 20.42
C ILE B 278 -8.15 -0.43 21.49
N GLU B 279 -8.45 -0.87 22.70
CA GLU B 279 -7.56 -0.66 23.81
C GLU B 279 -6.30 -1.47 23.56
N TYR B 280 -6.46 -2.69 23.08
CA TYR B 280 -5.32 -3.55 22.83
C TYR B 280 -4.43 -2.96 21.72
N SER B 281 -5.06 -2.42 20.68
CA SER B 281 -4.33 -1.86 19.55
C SER B 281 -3.54 -0.61 19.95
N GLU B 282 -4.19 0.31 20.68
CA GLU B 282 -3.53 1.56 21.14
C GLU B 282 -2.43 1.27 22.14
N LYS B 283 -2.53 0.16 22.83
CA LYS B 283 -1.47 -0.22 23.74
C LYS B 283 -0.28 -0.96 23.08
N TYR B 284 -0.55 -1.85 22.12
CA TYR B 284 0.53 -2.69 21.65
C TYR B 284 1.00 -2.53 20.25
N ALA B 285 0.29 -1.72 19.45
CA ALA B 285 0.70 -1.47 18.05
C ALA B 285 2.03 -0.74 18.00
N PRO B 286 2.84 -0.97 16.94
CA PRO B 286 4.08 -0.22 16.78
C PRO B 286 3.78 1.28 16.86
N LEU B 287 2.67 1.70 16.30
CA LEU B 287 2.27 3.10 16.36
C LEU B 287 1.11 3.27 17.32
N ARG B 288 1.40 3.94 18.43
CA ARG B 288 0.43 4.07 19.50
C ARG B 288 -0.30 5.40 19.40
N GLN B 289 -1.18 5.50 18.44
CA GLN B 289 -1.95 6.69 18.15
C GLN B 289 -3.35 6.14 17.84
N LYS B 290 -4.37 7.00 17.92
CA LYS B 290 -5.70 6.53 17.68
C LYS B 290 -5.90 6.33 16.20
N LEU B 291 -6.42 5.16 15.84
CA LEU B 291 -6.68 4.86 14.43
C LEU B 291 -7.97 5.57 13.99
N LEU B 292 -7.89 6.44 12.99
CA LEU B 292 -9.05 7.18 12.47
C LEU B 292 -9.60 6.62 11.18
N SER B 293 -10.91 6.77 10.96
CA SER B 293 -11.47 6.29 9.70
C SER B 293 -10.82 6.96 8.48
N THR B 294 -10.43 8.21 8.61
CA THR B 294 -9.76 8.89 7.51
C THR B 294 -8.31 8.40 7.32
N ASP B 295 -7.72 7.70 8.30
CA ASP B 295 -6.47 7.00 8.05
C ASP B 295 -6.66 5.92 6.98
N ILE B 296 -7.83 5.29 7.01
CA ILE B 296 -8.13 4.25 6.07
C ILE B 296 -8.52 4.91 4.77
N GLY B 297 -9.23 6.02 4.90
CA GLY B 297 -9.66 6.79 3.75
C GLY B 297 -8.54 7.27 2.85
N SER B 298 -7.46 7.74 3.44
CA SER B 298 -6.38 8.22 2.61
C SER B 298 -5.65 7.08 1.94
N VAL B 299 -5.55 5.92 2.57
CA VAL B 299 -5.02 4.73 1.85
C VAL B 299 -5.95 4.29 0.68
N ALA B 300 -7.26 4.28 0.96
CA ALA B 300 -8.28 3.92 -0.02
C ALA B 300 -8.18 4.81 -1.24
N SER B 301 -8.03 6.08 -0.97
CA SER B 301 -7.96 7.09 -1.96
C SER B 301 -6.70 6.92 -2.86
N PHE B 302 -5.57 6.57 -2.23
CA PHE B 302 -4.35 6.24 -2.97
C PHE B 302 -4.55 5.01 -3.89
N LEU B 303 -5.13 3.95 -3.32
CA LEU B 303 -5.35 2.69 -4.07
C LEU B 303 -6.38 2.85 -5.20
N LEU B 304 -7.29 3.83 -5.04
CA LEU B 304 -8.26 4.11 -6.08
C LEU B 304 -7.71 5.01 -7.17
N SER B 305 -6.62 5.72 -6.88
CA SER B 305 -6.08 6.63 -7.86
C SER B 305 -5.08 5.92 -8.75
N ARG B 306 -4.67 6.61 -9.79
CA ARG B 306 -3.69 6.08 -10.75
C ARG B 306 -2.30 5.92 -10.17
N GLU B 307 -2.05 6.49 -8.98
CA GLU B 307 -0.76 6.36 -8.31
C GLU B 307 -0.39 4.90 -7.93
N SER B 308 -1.41 4.04 -7.81
CA SER B 308 -1.26 2.64 -7.41
C SER B 308 -1.43 1.68 -8.62
N ARG B 309 -1.25 2.25 -9.81
CA ARG B 309 -1.35 1.57 -11.08
CA ARG B 309 -1.21 1.61 -11.12
C ARG B 309 -0.73 0.15 -11.14
N ALA B 310 0.38 -0.09 -10.44
CA ALA B 310 1.06 -1.40 -10.46
C ALA B 310 0.73 -2.36 -9.31
N ILE B 311 -0.25 -1.98 -8.49
CA ILE B 311 -0.69 -2.76 -7.32
C ILE B 311 -2.06 -3.39 -7.56
N THR B 312 -2.15 -4.71 -7.47
CA THR B 312 -3.43 -5.37 -7.62
C THR B 312 -3.44 -6.72 -6.95
N GLY B 313 -4.62 -7.14 -6.52
CA GLY B 313 -4.75 -8.44 -5.85
C GLY B 313 -4.25 -8.46 -4.41
N GLN B 314 -3.92 -7.31 -3.84
CA GLN B 314 -3.22 -7.27 -2.55
C GLN B 314 -4.15 -7.04 -1.38
N THR B 315 -3.74 -7.54 -0.23
CA THR B 315 -4.35 -7.20 1.07
C THR B 315 -3.39 -6.21 1.70
N ILE B 316 -3.82 -4.95 1.84
CA ILE B 316 -2.94 -3.91 2.42
C ILE B 316 -3.37 -3.59 3.86
N TYR B 317 -2.48 -3.78 4.81
CA TYR B 317 -2.80 -3.56 6.24
C TYR B 317 -2.71 -2.09 6.62
N VAL B 318 -3.82 -1.54 7.14
CA VAL B 318 -3.84 -0.14 7.64
C VAL B 318 -4.30 -0.24 9.08
N ASP B 319 -3.35 -0.52 9.97
CA ASP B 319 -3.71 -0.94 11.32
C ASP B 319 -2.64 -0.55 12.33
N ASN B 320 -1.94 0.57 12.06
CA ASN B 320 -0.84 1.02 12.88
C ASN B 320 0.27 -0.03 13.13
N GLY B 321 0.36 -1.03 12.23
CA GLY B 321 1.32 -2.15 12.31
C GLY B 321 1.01 -3.29 13.30
N LEU B 322 -0.17 -3.28 13.92
CA LEU B 322 -0.50 -4.30 14.94
C LEU B 322 -0.26 -5.72 14.40
N ASN B 323 -0.56 -5.92 13.11
CA ASN B 323 -0.52 -7.26 12.51
C ASN B 323 0.87 -7.94 12.57
N ILE B 324 1.93 -7.14 12.72
CA ILE B 324 3.31 -7.64 12.67
C ILE B 324 3.78 -8.18 14.03
N MET B 325 3.03 -7.91 15.10
CA MET B 325 3.39 -8.35 16.47
C MET B 325 3.02 -9.81 16.75
N PHE B 326 3.86 -10.51 17.51
CA PHE B 326 3.55 -11.85 17.99
C PHE B 326 3.10 -11.76 19.45
N LEU B 327 4.05 -11.47 20.36
CA LEU B 327 3.76 -11.42 21.79
C LEU B 327 3.68 -9.94 22.25
N PRO B 328 2.69 -9.60 23.09
CA PRO B 328 2.69 -8.26 23.71
C PRO B 328 3.94 -7.97 24.59
N ASP B 329 4.18 -6.71 24.92
CA ASP B 329 5.05 -6.36 26.04
C ASP B 329 4.19 -6.30 27.30
PA NAD C . 20.44 -0.21 -9.59
O1A NAD C . 21.80 -0.70 -10.00
O2A NAD C . 19.81 0.97 -10.32
O5B NAD C . 20.47 0.15 -8.02
C5B NAD C . 21.42 -0.45 -7.15
C4B NAD C . 22.37 0.63 -6.65
O4B NAD C . 22.98 0.26 -5.41
C3B NAD C . 23.51 0.92 -7.62
O3B NAD C . 23.39 2.26 -8.09
C2B NAD C . 24.79 0.77 -6.81
O2B NAD C . 25.69 1.85 -7.08
C1B NAD C . 24.30 0.81 -5.37
N9A NAD C . 25.22 0.09 -4.47
C8A NAD C . 25.74 -1.13 -4.63
N7A NAD C . 26.54 -1.43 -3.57
C5A NAD C . 26.52 -0.36 -2.75
C6A NAD C . 27.17 -0.04 -1.45
N6A NAD C . 27.99 -0.93 -0.84
N1A NAD C . 26.91 1.16 -0.89
C2A NAD C . 26.09 2.03 -1.51
N3A NAD C . 25.49 1.75 -2.69
C4A NAD C . 25.69 0.58 -3.32
O3 NAD C . 19.42 -1.45 -9.64
PN NAD C . 17.95 -1.36 -8.98
O1N NAD C . 17.15 -2.51 -9.54
O2N NAD C . 17.43 0.04 -9.14
O5D NAD C . 18.21 -1.64 -7.42
C5D NAD C . 17.48 -0.91 -6.43
C4D NAD C . 16.85 -1.83 -5.41
O4D NAD C . 15.65 -2.42 -5.92
C3D NAD C . 17.77 -2.99 -5.04
O3D NAD C . 17.79 -3.12 -3.61
C2D NAD C . 17.13 -4.21 -5.64
O2D NAD C . 17.36 -5.36 -4.81
C1D NAD C . 15.66 -3.83 -5.67
N1N NAD C . 14.91 -4.58 -6.70
C2N NAD C . 15.21 -4.48 -8.00
C3N NAD C . 14.49 -5.17 -8.97
C7N NAD C . 14.84 -5.06 -10.43
O7N NAD C . 14.29 -5.79 -11.23
N7N NAD C . 15.76 -4.17 -10.81
C4N NAD C . 13.33 -6.06 -8.58
C5N NAD C . 13.11 -6.08 -7.14
C6N NAD C . 13.90 -5.34 -6.27
C1 FT2 D . 17.73 -6.78 -8.29
C2 FT2 D . 16.93 -7.54 -7.47
C3 FT2 D . 15.96 -8.36 -8.01
C4 FT2 D . 15.83 -8.44 -9.37
C5 FT2 D . 16.64 -7.69 -10.21
C6 FT2 D . 17.60 -6.84 -9.68
O7 FT2 D . 18.69 -5.98 -7.69
C8 FT2 D . 19.92 -6.53 -7.43
C9 FT2 D . 20.95 -5.72 -6.97
C10 FT2 D . 22.21 -6.25 -6.73
C11 FT2 D . 22.40 -7.60 -6.96
C12 FT2 D . 21.39 -8.43 -7.41
C13 FT2 D . 20.14 -7.90 -7.66
C14 FT2 D . 14.77 -9.37 -9.90
CL15 FT2 D . 14.16 -8.66 -11.40
CL16 FT2 D . 24.02 -8.24 -6.63
CL17 FT2 D . 20.74 -3.96 -6.70
O18 FT2 D . 17.09 -7.47 -6.13
PA NAD E . -20.39 0.33 9.37
O1A NAD E . -21.69 -0.01 10.05
O2A NAD E . -19.97 1.78 9.29
O5B NAD E . -20.43 -0.29 7.88
C5B NAD E . -21.35 -1.34 7.57
C4B NAD E . -22.37 -0.79 6.58
O4B NAD E . -22.75 -1.79 5.62
C3B NAD E . -23.64 -0.37 7.29
O3B NAD E . -23.90 1.02 7.04
C2B NAD E . -24.75 -1.18 6.68
O2B NAD E . -25.89 -0.33 6.47
C1B NAD E . -24.16 -1.67 5.37
N9A NAD E . -24.74 -2.96 4.92
C8A NAD E . -24.92 -4.08 5.64
N7A NAD E . -25.47 -5.02 4.85
C5A NAD E . -25.65 -4.49 3.64
C6A NAD E . -26.20 -4.98 2.36
N6A NAD E . -26.67 -6.24 2.25
N1A NAD E . -26.22 -4.14 1.30
C2A NAD E . -25.75 -2.89 1.43
N3A NAD E . -25.24 -2.43 2.58
C4A NAD E . -25.18 -3.19 3.68
O3 NAD E . -19.18 -0.51 10.05
PN NAD E . -17.68 -0.49 9.46
O1N NAD E . -16.73 -0.89 10.57
O2N NAD E . -17.43 0.78 8.70
O5D NAD E . -17.64 -1.71 8.39
C5D NAD E . -17.34 -1.49 7.01
C4D NAD E . -16.34 -2.52 6.50
O4D NAD E . -15.08 -2.40 7.19
C3D NAD E . -16.83 -3.95 6.76
O3D NAD E . -16.50 -4.72 5.61
C2D NAD E . -16.02 -4.41 7.95
O2D NAD E . -15.82 -5.82 7.90
C1D NAD E . -14.71 -3.67 7.71
N1N NAD E . -13.90 -3.56 8.93
C2N NAD E . -14.28 -2.85 10.00
C3N NAD E . -13.46 -2.77 11.12
C7N NAD E . -13.89 -1.98 12.32
O7N NAD E . -13.23 -2.07 13.34
N7N NAD E . -14.97 -1.21 12.24
C4N NAD E . -12.12 -3.47 11.20
C5N NAD E . -11.83 -4.19 9.97
C6N NAD E . -12.72 -4.20 8.91
C1 FT2 F . -16.21 -5.25 11.64
C2 FT2 F . -15.15 -6.06 11.20
C3 FT2 F . -14.06 -6.20 12.01
C4 FT2 F . -14.01 -5.55 13.24
C5 FT2 F . -15.06 -4.75 13.71
C6 FT2 F . -16.18 -4.59 12.89
O7 FT2 F . -17.29 -5.13 10.81
C8 FT2 F . -18.33 -5.99 10.93
C9 FT2 F . -19.45 -5.81 10.14
C10 FT2 F . -20.52 -6.65 10.24
C11 FT2 F . -20.42 -7.70 11.14
C12 FT2 F . -19.31 -7.91 11.95
C13 FT2 F . -18.24 -7.04 11.83
C14 FT2 F . -12.77 -5.81 14.04
CL15 FT2 F . -12.46 -4.35 14.96
CL16 FT2 F . -21.84 -8.78 11.24
CL17 FT2 F . -19.60 -4.47 8.95
O18 FT2 F . -15.19 -6.71 10.01
#